data_1LDO
#
_entry.id   1LDO
#
_cell.length_a   71.103
_cell.length_b   79.813
_cell.length_c   43.140
_cell.angle_alpha   90.00
_cell.angle_beta   90.00
_cell.angle_gamma   90.00
#
_symmetry.space_group_name_H-M   'P 21 21 2'
#
loop_
_entity.id
_entity.type
_entity.pdbx_description
1 polymer avidin
2 non-polymer 2-acetamido-2-deoxy-beta-D-glucopyranose
3 non-polymer NORBIOTIN
4 water water
#
_entity_poly.entity_id   1
_entity_poly.type   'polypeptide(L)'
_entity_poly.pdbx_seq_one_letter_code
;ARKCSLTGKWTNDLGSNMTIGAVNSRGEFTGTYTTAVTATSNEIKESPLHGTENTINKRTQPTFGFTVNWKFSESTTVFT
GQCFIDRNGKEVLKTMWLLRSSVNDIGDDWKATRVGINIFTRLRTQKE
;
_entity_poly.pdbx_strand_id   A,B
#
loop_
_chem_comp.id
_chem_comp.type
_chem_comp.name
_chem_comp.formula
NAG D-saccharide, beta linking 2-acetamido-2-deoxy-beta-D-glucopyranose 'C8 H15 N O6'
SNR non-polymer NORBIOTIN 'C9 H14 N2 O3 S'
#
# COMPACT_ATOMS: atom_id res chain seq x y z
N LYS A 3 -3.69 24.53 7.52
CA LYS A 3 -4.55 23.83 6.51
C LYS A 3 -3.73 23.17 5.38
N CYS A 4 -4.24 22.05 4.89
CA CYS A 4 -3.58 21.29 3.82
C CYS A 4 -4.53 21.47 2.62
N SER A 5 -4.01 22.06 1.55
CA SER A 5 -4.82 22.32 0.34
C SER A 5 -4.41 21.40 -0.81
N LEU A 6 -5.39 20.90 -1.54
CA LEU A 6 -5.12 20.00 -2.65
C LEU A 6 -4.60 20.70 -3.89
N THR A 7 -4.98 21.97 -4.05
CA THR A 7 -4.59 22.74 -5.22
C THR A 7 -3.07 22.89 -5.29
N GLY A 8 -2.52 22.71 -6.49
CA GLY A 8 -1.08 22.82 -6.64
C GLY A 8 -0.50 21.76 -7.55
N LYS A 9 0.82 21.67 -7.57
CA LYS A 9 1.51 20.70 -8.41
C LYS A 9 2.16 19.69 -7.46
N TRP A 10 1.97 18.40 -7.75
CA TRP A 10 2.51 17.39 -6.89
C TRP A 10 3.32 16.39 -7.64
N THR A 11 4.20 15.71 -6.92
CA THR A 11 5.02 14.68 -7.50
C THR A 11 4.97 13.51 -6.52
N ASN A 12 5.14 12.28 -6.99
CA ASN A 12 5.09 11.16 -6.06
C ASN A 12 6.36 10.32 -6.04
N ASP A 13 6.39 9.33 -5.16
CA ASP A 13 7.56 8.47 -4.98
C ASP A 13 7.99 7.70 -6.25
N LEU A 14 7.06 7.50 -7.19
CA LEU A 14 7.40 6.81 -8.43
C LEU A 14 7.90 7.79 -9.45
N GLY A 15 7.72 9.08 -9.17
CA GLY A 15 8.15 10.10 -10.10
C GLY A 15 7.02 10.68 -10.92
N SER A 16 5.77 10.28 -10.65
CA SER A 16 4.62 10.82 -11.39
C SER A 16 4.26 12.22 -10.91
N ASN A 17 3.81 13.07 -11.83
CA ASN A 17 3.42 14.41 -11.43
C ASN A 17 1.94 14.57 -11.64
N MET A 18 1.37 15.46 -10.87
CA MET A 18 -0.04 15.71 -10.99
C MET A 18 -0.33 17.16 -10.58
N THR A 19 -1.26 17.77 -11.33
CA THR A 19 -1.71 19.13 -11.12
C THR A 19 -3.19 19.06 -10.79
N ILE A 20 -3.60 19.81 -9.77
CA ILE A 20 -4.98 19.87 -9.34
C ILE A 20 -5.37 21.33 -9.26
N GLY A 21 -6.45 21.70 -9.95
CA GLY A 21 -6.90 23.08 -9.93
C GLY A 21 -7.59 23.43 -8.63
N ALA A 22 -8.46 24.43 -8.68
CA ALA A 22 -9.15 24.88 -7.48
C ALA A 22 -10.36 24.02 -7.10
N VAL A 23 -10.53 23.79 -5.81
CA VAL A 23 -11.66 23.00 -5.38
C VAL A 23 -12.77 23.96 -5.00
N ASN A 24 -13.97 23.70 -5.55
CA ASN A 24 -15.10 24.57 -5.28
C ASN A 24 -15.78 24.38 -3.93
N SER A 25 -16.84 25.13 -3.71
CA SER A 25 -17.60 25.08 -2.47
C SER A 25 -18.13 23.69 -2.19
N ARG A 26 -18.25 22.84 -3.22
CA ARG A 26 -18.73 21.48 -3.00
C ARG A 26 -17.63 20.45 -2.78
N GLY A 27 -16.37 20.87 -2.82
CA GLY A 27 -15.27 19.94 -2.64
C GLY A 27 -14.74 19.32 -3.92
N GLU A 28 -15.34 19.63 -5.07
CA GLU A 28 -14.90 19.06 -6.35
C GLU A 28 -13.70 19.76 -6.96
N PHE A 29 -12.93 18.97 -7.68
CA PHE A 29 -11.75 19.47 -8.35
C PHE A 29 -11.42 18.58 -9.56
N THR A 30 -10.61 19.12 -10.46
CA THR A 30 -10.18 18.40 -11.63
C THR A 30 -8.68 18.62 -11.69
N GLY A 31 -8.00 17.90 -12.56
CA GLY A 31 -6.56 18.06 -12.66
C GLY A 31 -6.02 17.22 -13.79
N THR A 32 -4.71 17.05 -13.82
CA THR A 32 -4.07 16.23 -14.83
C THR A 32 -3.04 15.34 -14.15
N TYR A 33 -2.87 14.15 -14.72
CA TYR A 33 -1.94 13.19 -14.16
C TYR A 33 -0.98 12.67 -15.21
N THR A 34 0.32 12.80 -14.94
CA THR A 34 1.37 12.31 -15.83
C THR A 34 2.10 11.19 -15.11
N THR A 35 1.69 9.95 -15.34
CA THR A 35 2.35 8.84 -14.68
C THR A 35 3.76 8.62 -15.26
N ALA A 36 4.72 8.24 -14.41
CA ALA A 36 6.11 7.98 -14.86
C ALA A 36 6.26 6.51 -15.27
N VAL A 37 5.30 5.71 -14.83
CA VAL A 37 5.29 4.28 -15.09
C VAL A 37 3.95 3.79 -15.66
N THR A 38 4.00 2.65 -16.36
CA THR A 38 2.81 2.01 -16.92
C THR A 38 2.98 0.50 -16.92
N ALA A 39 1.88 -0.21 -16.68
CA ALA A 39 1.88 -1.67 -16.70
C ALA A 39 1.73 -2.11 -18.16
N THR A 40 1.37 -1.16 -19.01
CA THR A 40 1.19 -1.46 -20.42
C THR A 40 2.50 -1.31 -21.17
N SER A 41 2.43 -1.46 -22.48
CA SER A 41 3.58 -1.31 -23.36
C SER A 41 3.21 -0.14 -24.27
N ASN A 42 2.23 0.63 -23.83
CA ASN A 42 1.76 1.77 -24.58
C ASN A 42 2.53 3.02 -24.25
N GLU A 43 2.38 4.02 -25.10
CA GLU A 43 3.03 5.30 -24.92
C GLU A 43 2.16 6.07 -23.90
N ILE A 44 2.78 6.63 -22.86
CA ILE A 44 2.07 7.37 -21.82
C ILE A 44 1.61 8.79 -22.23
N LYS A 45 0.36 9.12 -21.94
CA LYS A 45 -0.18 10.43 -22.24
C LYS A 45 -0.73 11.02 -20.94
N GLU A 46 -0.68 12.34 -20.83
CA GLU A 46 -1.21 13.07 -19.69
C GLU A 46 -2.69 12.68 -19.67
N SER A 47 -3.24 12.49 -18.47
CA SER A 47 -4.63 12.11 -18.37
C SER A 47 -5.39 12.95 -17.37
N PRO A 48 -6.68 13.16 -17.62
CA PRO A 48 -7.42 13.98 -16.69
C PRO A 48 -7.87 13.23 -15.44
N LEU A 49 -8.07 13.97 -14.35
CA LEU A 49 -8.59 13.36 -13.14
C LEU A 49 -9.74 14.20 -12.60
N HIS A 50 -10.65 13.55 -11.89
CA HIS A 50 -11.81 14.21 -11.30
C HIS A 50 -11.99 13.61 -9.92
N GLY A 51 -12.13 14.49 -8.93
CA GLY A 51 -12.28 14.04 -7.57
C GLY A 51 -13.12 14.93 -6.68
N THR A 52 -13.07 14.62 -5.40
CA THR A 52 -13.83 15.31 -4.39
C THR A 52 -13.10 15.21 -3.06
N GLU A 53 -13.14 16.30 -2.32
CA GLU A 53 -12.52 16.40 -1.01
C GLU A 53 -13.68 16.41 -0.02
N ASN A 54 -13.56 15.70 1.08
CA ASN A 54 -14.64 15.65 2.05
C ASN A 54 -14.71 16.98 2.80
N THR A 55 -15.89 17.60 2.81
CA THR A 55 -16.04 18.88 3.49
C THR A 55 -16.66 18.89 4.91
N ILE A 56 -17.05 17.73 5.44
CA ILE A 56 -17.64 17.67 6.78
C ILE A 56 -16.66 18.09 7.90
N ASN A 57 -17.12 19.00 8.76
CA ASN A 57 -16.34 19.55 9.88
C ASN A 57 -15.20 20.47 9.41
N LYS A 58 -15.19 20.81 8.12
CA LYS A 58 -14.16 21.68 7.56
C LYS A 58 -12.76 21.24 8.04
N ARG A 59 -12.48 19.95 7.95
CA ARG A 59 -11.22 19.44 8.42
C ARG A 59 -10.05 20.16 7.74
N THR A 60 -8.98 20.38 8.49
CA THR A 60 -7.78 21.03 8.01
C THR A 60 -6.88 20.01 7.28
N GLN A 61 -7.16 18.73 7.50
CA GLN A 61 -6.44 17.62 6.87
C GLN A 61 -7.57 16.73 6.39
N PRO A 62 -8.21 17.12 5.31
CA PRO A 62 -9.31 16.30 4.83
C PRO A 62 -8.97 15.03 4.06
N THR A 63 -9.92 14.10 4.04
CA THR A 63 -9.75 12.90 3.26
C THR A 63 -10.24 13.38 1.88
N PHE A 64 -9.85 12.64 0.84
CA PHE A 64 -10.28 12.98 -0.51
C PHE A 64 -10.18 11.73 -1.38
N GLY A 65 -10.78 11.83 -2.56
CA GLY A 65 -10.74 10.73 -3.50
C GLY A 65 -10.75 11.27 -4.91
N PHE A 66 -10.17 10.54 -5.84
CA PHE A 66 -10.21 10.96 -7.23
C PHE A 66 -9.98 9.82 -8.19
N THR A 67 -10.55 9.97 -9.39
CA THR A 67 -10.46 8.97 -10.44
C THR A 67 -9.64 9.49 -11.59
N VAL A 68 -8.71 8.67 -12.06
CA VAL A 68 -7.87 9.03 -13.19
C VAL A 68 -8.37 8.21 -14.38
N ASN A 69 -8.83 8.92 -15.40
CA ASN A 69 -9.39 8.38 -16.65
C ASN A 69 -8.25 8.29 -17.67
N TRP A 70 -7.49 7.19 -17.67
CA TRP A 70 -6.33 7.05 -18.57
C TRP A 70 -6.64 7.19 -20.08
N LYS A 71 -5.86 8.04 -20.74
CA LYS A 71 -6.05 8.28 -22.17
C LYS A 71 -5.26 7.34 -23.09
N PHE A 72 -4.38 6.52 -22.54
CA PHE A 72 -3.57 5.64 -23.37
C PHE A 72 -3.84 4.14 -23.15
N SER A 73 -4.89 3.83 -22.39
CA SER A 73 -5.27 2.44 -22.12
C SER A 73 -6.76 2.44 -21.78
N GLU A 74 -7.32 1.25 -21.61
CA GLU A 74 -8.75 1.16 -21.30
C GLU A 74 -8.98 1.11 -19.79
N SER A 75 -7.90 1.29 -19.04
CA SER A 75 -7.95 1.23 -17.59
C SER A 75 -8.47 2.45 -16.86
N THR A 76 -8.78 2.24 -15.58
CA THR A 76 -9.18 3.32 -14.70
C THR A 76 -8.47 3.10 -13.35
N THR A 77 -8.04 4.19 -12.73
CA THR A 77 -7.41 4.10 -11.42
C THR A 77 -8.14 5.05 -10.46
N VAL A 78 -8.41 4.60 -9.24
CA VAL A 78 -8.98 5.50 -8.24
C VAL A 78 -7.95 5.61 -7.12
N PHE A 79 -7.86 6.82 -6.56
CA PHE A 79 -6.93 7.12 -5.49
C PHE A 79 -7.71 7.68 -4.31
N THR A 80 -7.37 7.23 -3.11
CA THR A 80 -7.99 7.82 -1.94
C THR A 80 -6.92 8.03 -0.89
N GLY A 81 -7.09 9.08 -0.11
CA GLY A 81 -6.10 9.35 0.92
C GLY A 81 -6.47 10.53 1.80
N GLN A 82 -5.46 11.14 2.39
CA GLN A 82 -5.67 12.26 3.28
C GLN A 82 -4.49 13.20 3.13
N CYS A 83 -4.82 14.49 3.19
CA CYS A 83 -3.88 15.60 3.06
C CYS A 83 -3.37 15.91 4.47
N PHE A 84 -2.17 15.45 4.81
CA PHE A 84 -1.58 15.68 6.13
C PHE A 84 -0.59 16.83 6.18
N ILE A 85 -0.49 17.45 7.34
CA ILE A 85 0.46 18.51 7.55
C ILE A 85 1.59 17.80 8.28
N ASP A 86 2.67 17.58 7.54
CA ASP A 86 3.87 16.91 8.05
C ASP A 86 4.31 17.57 9.34
N ARG A 87 5.22 16.93 10.08
CA ARG A 87 5.67 17.54 11.32
C ARG A 87 6.56 18.74 11.03
N ASN A 88 7.01 18.84 9.77
CA ASN A 88 7.86 19.94 9.31
C ASN A 88 7.03 21.10 8.81
N GLY A 89 5.70 21.01 8.93
CA GLY A 89 4.84 22.06 8.44
C GLY A 89 4.66 21.99 6.93
N LYS A 90 5.13 20.90 6.32
CA LYS A 90 5.00 20.71 4.87
C LYS A 90 3.87 19.71 4.53
N GLU A 91 3.22 19.91 3.40
CA GLU A 91 2.13 19.05 2.99
C GLU A 91 2.54 17.73 2.38
N VAL A 92 1.84 16.68 2.78
CA VAL A 92 2.09 15.34 2.27
C VAL A 92 0.74 14.65 2.03
N LEU A 93 0.60 14.03 0.87
CA LEU A 93 -0.61 13.28 0.53
C LEU A 93 -0.26 11.81 0.65
N LYS A 94 -0.90 11.11 1.59
CA LYS A 94 -0.67 9.68 1.75
C LYS A 94 -1.86 9.09 1.02
N THR A 95 -1.61 8.28 -0.01
CA THR A 95 -2.70 7.68 -0.76
C THR A 95 -2.56 6.17 -1.02
N MET A 96 -3.69 5.55 -1.30
CA MET A 96 -3.78 4.16 -1.69
C MET A 96 -4.61 4.17 -2.99
N TRP A 97 -4.33 3.24 -3.89
CA TRP A 97 -5.05 3.22 -5.14
C TRP A 97 -5.44 1.83 -5.57
N LEU A 98 -6.43 1.78 -6.44
CA LEU A 98 -6.89 0.53 -7.05
C LEU A 98 -6.81 0.84 -8.55
N LEU A 99 -6.09 -0.01 -9.28
CA LEU A 99 -5.90 0.12 -10.72
C LEU A 99 -6.73 -0.97 -11.36
N ARG A 100 -7.74 -0.55 -12.11
CA ARG A 100 -8.63 -1.49 -12.77
C ARG A 100 -8.35 -1.66 -14.26
N SER A 101 -8.03 -2.88 -14.67
CA SER A 101 -7.79 -3.17 -16.09
C SER A 101 -9.13 -3.65 -16.64
N SER A 102 -9.31 -3.57 -17.95
CA SER A 102 -10.54 -4.08 -18.51
C SER A 102 -10.26 -5.49 -18.99
N VAL A 103 -11.17 -6.42 -18.74
CA VAL A 103 -10.97 -7.77 -19.21
C VAL A 103 -12.09 -7.96 -20.21
N ASN A 104 -12.00 -8.96 -21.07
CA ASN A 104 -13.05 -9.18 -22.09
C ASN A 104 -14.22 -10.05 -21.68
N ASP A 105 -14.02 -10.86 -20.65
CA ASP A 105 -15.06 -11.76 -20.15
C ASP A 105 -15.18 -11.59 -18.62
N ILE A 106 -16.40 -11.64 -18.08
CA ILE A 106 -16.57 -11.49 -16.65
C ILE A 106 -15.89 -12.64 -15.88
N GLY A 107 -15.54 -13.68 -16.61
CA GLY A 107 -14.87 -14.82 -15.99
C GLY A 107 -13.45 -14.48 -15.58
N ASP A 108 -12.89 -13.39 -16.14
CA ASP A 108 -11.53 -12.97 -15.79
C ASP A 108 -11.49 -11.78 -14.82
N ASP A 109 -12.65 -11.37 -14.36
CA ASP A 109 -12.76 -10.26 -13.41
C ASP A 109 -11.90 -10.40 -12.15
N TRP A 110 -11.74 -11.62 -11.63
CA TRP A 110 -10.97 -11.84 -10.42
C TRP A 110 -9.53 -11.30 -10.47
N LYS A 111 -8.92 -11.24 -11.65
CA LYS A 111 -7.54 -10.79 -11.72
C LYS A 111 -7.34 -9.37 -12.25
N ALA A 112 -8.44 -8.64 -12.43
CA ALA A 112 -8.37 -7.30 -13.01
C ALA A 112 -8.02 -6.13 -12.13
N THR A 113 -7.78 -6.37 -10.86
CA THR A 113 -7.54 -5.26 -9.96
C THR A 113 -6.24 -5.27 -9.14
N ARG A 114 -5.39 -4.26 -9.37
CA ARG A 114 -4.13 -4.15 -8.61
C ARG A 114 -4.29 -3.13 -7.50
N VAL A 115 -3.47 -3.28 -6.46
CA VAL A 115 -3.54 -2.35 -5.34
C VAL A 115 -2.12 -1.88 -5.00
N GLY A 116 -2.02 -0.66 -4.45
CA GLY A 116 -0.74 -0.08 -4.07
C GLY A 116 -0.85 1.30 -3.41
N ILE A 117 0.28 1.90 -3.09
CA ILE A 117 0.30 3.22 -2.47
C ILE A 117 1.13 4.20 -3.27
N ASN A 118 1.06 5.45 -2.84
CA ASN A 118 1.85 6.55 -3.38
C ASN A 118 1.83 7.68 -2.37
N ILE A 119 2.96 8.35 -2.25
CA ILE A 119 3.11 9.50 -1.37
C ILE A 119 3.42 10.69 -2.28
N PHE A 120 2.69 11.78 -2.08
CA PHE A 120 2.90 12.97 -2.89
C PHE A 120 3.41 14.14 -2.06
N THR A 121 4.27 14.95 -2.66
CA THR A 121 4.79 16.13 -1.98
C THR A 121 4.73 17.23 -3.01
N ARG A 122 4.63 18.48 -2.55
CA ARG A 122 4.60 19.60 -3.45
C ARG A 122 5.86 19.68 -4.27
N LEU A 123 5.65 19.88 -5.56
CA LEU A 123 6.74 19.96 -6.51
C LEU A 123 7.20 21.42 -6.64
N LYS B 3 22.04 -12.54 -3.86
CA LYS B 3 20.99 -13.43 -3.30
C LYS B 3 20.26 -12.80 -2.11
N CYS B 4 18.94 -12.64 -2.22
CA CYS B 4 18.16 -12.07 -1.12
C CYS B 4 17.66 -13.21 -0.21
N SER B 5 17.96 -13.13 1.08
CA SER B 5 17.54 -14.16 2.00
C SER B 5 16.59 -13.63 3.09
N LEU B 6 15.60 -14.43 3.50
CA LEU B 6 14.61 -14.02 4.50
C LEU B 6 15.06 -14.20 5.92
N THR B 7 15.93 -15.18 6.13
CA THR B 7 16.46 -15.48 7.45
C THR B 7 17.17 -14.28 8.07
N GLY B 8 16.88 -13.99 9.33
CA GLY B 8 17.54 -12.87 9.97
C GLY B 8 16.57 -12.01 10.75
N LYS B 9 17.01 -10.80 11.07
CA LYS B 9 16.21 -9.86 11.82
C LYS B 9 15.93 -8.68 10.92
N TRP B 10 14.70 -8.15 10.98
CA TRP B 10 14.32 -7.02 10.14
C TRP B 10 13.49 -6.01 10.91
N THR B 11 13.47 -4.78 10.42
CA THR B 11 12.68 -3.75 11.03
C THR B 11 11.95 -3.02 9.88
N ASN B 12 10.77 -2.47 10.12
CA ASN B 12 10.08 -1.77 9.04
C ASN B 12 9.87 -0.29 9.31
N ASP B 13 9.24 0.37 8.33
CA ASP B 13 8.94 1.79 8.31
C ASP B 13 8.05 2.32 9.44
N LEU B 14 7.41 1.42 10.18
CA LEU B 14 6.58 1.83 11.29
C LEU B 14 7.37 1.61 12.59
N GLY B 15 8.52 0.95 12.46
CA GLY B 15 9.33 0.66 13.64
C GLY B 15 9.15 -0.73 14.23
N SER B 16 8.34 -1.58 13.60
CA SER B 16 8.13 -2.95 14.08
C SER B 16 9.35 -3.81 13.74
N ASN B 17 9.57 -4.88 14.50
CA ASN B 17 10.69 -5.77 14.25
C ASN B 17 10.18 -7.18 14.05
N MET B 18 10.91 -7.90 13.23
CA MET B 18 10.57 -9.25 12.86
C MET B 18 11.85 -10.07 12.79
N THR B 19 11.76 -11.32 13.19
CA THR B 19 12.90 -12.21 13.17
C THR B 19 12.43 -13.47 12.48
N ILE B 20 13.15 -13.86 11.44
CA ILE B 20 12.77 -15.05 10.71
C ILE B 20 13.92 -16.04 10.85
N GLY B 21 13.54 -17.29 11.11
CA GLY B 21 14.51 -18.34 11.26
C GLY B 21 14.91 -18.90 9.92
N ALA B 22 15.48 -20.11 9.95
CA ALA B 22 15.94 -20.79 8.76
C ALA B 22 14.80 -21.21 7.85
N VAL B 23 15.08 -21.20 6.56
CA VAL B 23 14.11 -21.59 5.57
C VAL B 23 14.47 -23.02 5.17
N ASN B 24 13.53 -23.95 5.33
CA ASN B 24 13.78 -25.35 4.99
C ASN B 24 13.73 -25.63 3.48
N SER B 25 13.96 -26.89 3.10
CA SER B 25 13.98 -27.29 1.69
C SER B 25 12.65 -27.06 0.97
N ARG B 26 11.53 -27.08 1.69
CA ARG B 26 10.26 -26.85 1.01
C ARG B 26 9.80 -25.40 1.07
N GLY B 27 10.69 -24.53 1.55
CA GLY B 27 10.41 -23.11 1.63
C GLY B 27 9.72 -22.61 2.90
N GLU B 28 9.51 -23.49 3.87
CA GLU B 28 8.86 -23.10 5.12
C GLU B 28 9.77 -22.33 6.06
N PHE B 29 9.15 -21.52 6.89
CA PHE B 29 9.89 -20.75 7.89
C PHE B 29 8.90 -20.26 8.95
N THR B 30 9.43 -19.96 10.13
CA THR B 30 8.65 -19.43 11.24
C THR B 30 9.53 -18.33 11.86
N GLY B 31 8.95 -17.56 12.77
CA GLY B 31 9.69 -16.50 13.39
C GLY B 31 8.79 -15.81 14.39
N THR B 32 9.09 -14.54 14.68
CA THR B 32 8.32 -13.76 15.62
C THR B 32 8.25 -12.31 15.14
N TYR B 33 7.18 -11.63 15.52
CA TYR B 33 6.94 -10.27 15.10
C TYR B 33 6.59 -9.42 16.32
N THR B 34 7.25 -8.28 16.45
CA THR B 34 6.94 -7.38 17.54
C THR B 34 6.48 -6.10 16.86
N THR B 35 5.17 -5.89 16.85
CA THR B 35 4.65 -4.69 16.20
C THR B 35 4.87 -3.47 17.09
N ALA B 36 5.12 -2.33 16.44
CA ALA B 36 5.33 -1.07 17.16
C ALA B 36 3.99 -0.32 17.31
N VAL B 37 3.02 -0.66 16.47
CA VAL B 37 1.73 0.02 16.55
C VAL B 37 0.60 -1.00 16.60
N THR B 38 -0.57 -0.53 17.02
CA THR B 38 -1.75 -1.36 17.09
C THR B 38 -2.99 -0.47 16.96
N ALA B 39 -4.06 -1.03 16.39
CA ALA B 39 -5.31 -0.29 16.22
C ALA B 39 -6.17 -0.56 17.45
N THR B 40 -5.68 -1.47 18.28
CA THR B 40 -6.39 -1.82 19.51
C THR B 40 -6.02 -0.86 20.64
N SER B 41 -6.56 -1.13 21.82
CA SER B 41 -6.29 -0.32 22.99
C SER B 41 -5.71 -1.32 23.98
N ASN B 42 -4.97 -2.28 23.44
CA ASN B 42 -4.38 -3.32 24.26
C ASN B 42 -2.86 -3.30 24.31
N GLU B 43 -2.34 -3.99 25.31
CA GLU B 43 -0.91 -4.11 25.53
C GLU B 43 -0.36 -5.01 24.42
N ILE B 44 0.55 -4.48 23.61
CA ILE B 44 1.17 -5.24 22.52
C ILE B 44 2.03 -6.38 23.08
N LYS B 45 2.01 -7.54 22.42
CA LYS B 45 2.82 -8.70 22.83
C LYS B 45 3.46 -9.36 21.58
N GLU B 46 4.71 -9.79 21.72
CA GLU B 46 5.44 -10.50 20.67
C GLU B 46 4.52 -11.62 20.11
N SER B 47 4.41 -11.74 18.79
CA SER B 47 3.52 -12.77 18.23
C SER B 47 4.21 -13.68 17.22
N PRO B 48 3.79 -14.94 17.14
CA PRO B 48 4.44 -15.87 16.20
C PRO B 48 3.98 -15.72 14.75
N LEU B 49 4.83 -16.16 13.81
CA LEU B 49 4.50 -16.11 12.39
C LEU B 49 5.00 -17.37 11.68
N HIS B 50 4.24 -17.77 10.66
CA HIS B 50 4.59 -18.94 9.88
C HIS B 50 4.35 -18.57 8.45
N GLY B 51 5.36 -18.82 7.62
CA GLY B 51 5.26 -18.46 6.25
C GLY B 51 5.93 -19.45 5.32
N THR B 52 5.87 -19.07 4.05
CA THR B 52 6.41 -19.84 2.95
C THR B 52 6.99 -18.91 1.88
N GLU B 53 8.05 -19.37 1.25
CA GLU B 53 8.62 -18.58 0.18
C GLU B 53 8.57 -19.52 -1.00
N ASN B 54 8.32 -18.95 -2.17
CA ASN B 54 8.23 -19.74 -3.38
C ASN B 54 9.64 -20.18 -3.83
N THR B 55 9.77 -21.46 -4.16
CA THR B 55 11.06 -21.98 -4.60
C THR B 55 11.16 -22.30 -6.10
N ILE B 56 10.09 -22.02 -6.87
CA ILE B 56 10.09 -22.29 -8.30
C ILE B 56 11.18 -21.48 -9.05
N ASN B 57 12.06 -22.20 -9.75
CA ASN B 57 13.19 -21.63 -10.51
C ASN B 57 14.26 -21.07 -9.56
N LYS B 58 14.18 -21.49 -8.29
CA LYS B 58 15.12 -21.08 -7.25
C LYS B 58 15.57 -19.63 -7.36
N ARG B 59 14.60 -18.73 -7.56
CA ARG B 59 14.92 -17.31 -7.71
C ARG B 59 15.86 -16.76 -6.65
N THR B 60 16.60 -15.70 -7.01
CA THR B 60 17.48 -15.08 -6.06
C THR B 60 16.72 -13.94 -5.34
N GLN B 61 15.58 -13.52 -5.89
CA GLN B 61 14.75 -12.47 -5.28
C GLN B 61 13.37 -13.11 -5.20
N PRO B 62 13.22 -14.04 -4.26
CA PRO B 62 11.96 -14.75 -4.08
C PRO B 62 10.76 -13.95 -3.59
N THR B 63 9.62 -14.50 -3.92
CA THR B 63 8.33 -14.01 -3.57
C THR B 63 8.01 -14.83 -2.32
N PHE B 64 7.17 -14.30 -1.43
CA PHE B 64 6.85 -15.02 -0.21
C PHE B 64 5.58 -14.48 0.47
N GLY B 65 5.13 -15.23 1.47
CA GLY B 65 3.97 -14.86 2.26
C GLY B 65 4.07 -15.42 3.68
N PHE B 66 3.45 -14.74 4.63
CA PHE B 66 3.40 -15.23 5.99
C PHE B 66 2.20 -14.66 6.73
N THR B 67 1.75 -15.43 7.72
CA THR B 67 0.62 -15.09 8.55
C THR B 67 1.10 -14.78 9.95
N VAL B 68 0.61 -13.68 10.50
CA VAL B 68 0.97 -13.34 11.87
C VAL B 68 -0.26 -13.61 12.71
N ASN B 69 -0.10 -14.47 13.70
CA ASN B 69 -1.17 -14.86 14.61
C ASN B 69 -1.05 -14.01 15.89
N TRP B 70 -1.66 -12.82 15.90
CA TRP B 70 -1.58 -11.92 17.06
C TRP B 70 -1.98 -12.52 18.40
N LYS B 71 -1.09 -12.40 19.39
CA LYS B 71 -1.42 -12.96 20.69
C LYS B 71 -2.17 -12.01 21.64
N PHE B 72 -2.28 -10.73 21.30
CA PHE B 72 -2.98 -9.80 22.20
C PHE B 72 -4.36 -9.41 21.71
N SER B 73 -4.80 -9.99 20.59
CA SER B 73 -6.13 -9.71 20.02
C SER B 73 -6.66 -10.93 19.25
N GLU B 74 -7.88 -10.82 18.73
CA GLU B 74 -8.52 -11.91 17.96
C GLU B 74 -8.22 -11.78 16.44
N SER B 75 -7.36 -10.83 16.10
CA SER B 75 -7.01 -10.56 14.72
C SER B 75 -5.96 -11.45 14.12
N THR B 76 -5.88 -11.36 12.80
CA THR B 76 -4.86 -12.11 12.08
C THR B 76 -4.39 -11.18 10.96
N THR B 77 -3.10 -11.19 10.69
CA THR B 77 -2.59 -10.40 9.59
C THR B 77 -1.82 -11.31 8.63
N VAL B 78 -1.92 -11.03 7.33
CA VAL B 78 -1.12 -11.77 6.36
C VAL B 78 -0.27 -10.78 5.56
N PHE B 79 0.98 -11.15 5.32
CA PHE B 79 1.89 -10.34 4.54
C PHE B 79 2.35 -11.13 3.33
N THR B 80 2.58 -10.43 2.24
CA THR B 80 3.10 -11.03 1.04
C THR B 80 3.96 -10.01 0.33
N GLY B 81 5.01 -10.46 -0.33
CA GLY B 81 5.85 -9.53 -1.04
C GLY B 81 7.02 -10.21 -1.71
N GLN B 82 8.07 -9.43 -1.99
CA GLN B 82 9.24 -9.97 -2.63
C GLN B 82 10.51 -9.53 -1.92
N CYS B 83 11.50 -10.41 -1.91
CA CYS B 83 12.80 -10.17 -1.29
C CYS B 83 13.71 -9.67 -2.42
N PHE B 84 13.96 -8.36 -2.46
CA PHE B 84 14.78 -7.73 -3.48
C PHE B 84 16.18 -7.34 -3.04
N ILE B 85 17.06 -7.24 -4.02
CA ILE B 85 18.38 -6.68 -3.79
C ILE B 85 18.10 -5.29 -4.42
N ASP B 86 18.09 -4.24 -3.60
CA ASP B 86 17.82 -2.88 -4.07
C ASP B 86 18.91 -2.33 -5.00
N ARG B 87 18.62 -1.21 -5.66
CA ARG B 87 19.58 -0.56 -6.58
C ARG B 87 20.89 -0.25 -5.85
N ASN B 88 20.78 0.09 -4.57
CA ASN B 88 21.96 0.40 -3.79
C ASN B 88 22.69 -0.82 -3.22
N GLY B 89 22.17 -2.02 -3.49
CA GLY B 89 22.84 -3.24 -3.02
C GLY B 89 22.34 -3.88 -1.73
N LYS B 90 21.44 -3.22 -1.02
CA LYS B 90 20.91 -3.74 0.23
C LYS B 90 19.67 -4.59 0.00
N GLU B 91 19.46 -5.58 0.87
CA GLU B 91 18.28 -6.42 0.78
C GLU B 91 17.11 -5.60 1.32
N VAL B 92 15.95 -5.74 0.69
CA VAL B 92 14.78 -5.00 1.11
C VAL B 92 13.56 -5.86 0.87
N LEU B 93 12.66 -5.91 1.87
CA LEU B 93 11.44 -6.68 1.69
C LEU B 93 10.33 -5.67 1.40
N LYS B 94 9.73 -5.78 0.20
CA LYS B 94 8.63 -4.92 -0.18
C LYS B 94 7.40 -5.76 0.09
N THR B 95 6.53 -5.30 0.97
CA THR B 95 5.37 -6.09 1.29
C THR B 95 4.07 -5.32 1.34
N MET B 96 2.98 -6.07 1.23
CA MET B 96 1.63 -5.56 1.34
C MET B 96 0.93 -6.53 2.33
N TRP B 97 -0.02 -5.99 3.09
CA TRP B 97 -0.70 -6.80 4.07
C TRP B 97 -2.20 -6.56 4.17
N LEU B 98 -2.89 -7.58 4.68
CA LEU B 98 -4.34 -7.54 4.94
C LEU B 98 -4.46 -7.80 6.43
N LEU B 99 -5.12 -6.90 7.13
CA LEU B 99 -5.34 -7.06 8.55
C LEU B 99 -6.82 -7.38 8.74
N ARG B 100 -7.08 -8.59 9.21
CA ARG B 100 -8.44 -9.02 9.42
C ARG B 100 -8.80 -8.95 10.91
N SER B 101 -9.87 -8.22 11.20
CA SER B 101 -10.45 -8.06 12.53
C SER B 101 -11.56 -9.12 12.62
N SER B 102 -11.97 -9.48 13.82
CA SER B 102 -13.07 -10.44 13.92
C SER B 102 -14.33 -9.60 14.13
N VAL B 103 -15.42 -10.00 13.48
CA VAL B 103 -16.69 -9.34 13.65
C VAL B 103 -17.59 -10.43 14.24
N ASN B 104 -18.72 -10.03 14.81
CA ASN B 104 -19.58 -11.01 15.44
C ASN B 104 -20.70 -11.56 14.60
N ASP B 105 -21.13 -10.82 13.58
CA ASP B 105 -22.17 -11.28 12.67
C ASP B 105 -21.65 -11.25 11.24
N ILE B 106 -22.00 -12.26 10.44
CA ILE B 106 -21.52 -12.30 9.08
C ILE B 106 -22.01 -11.10 8.28
N GLY B 107 -22.90 -10.31 8.89
CA GLY B 107 -23.42 -9.14 8.22
C GLY B 107 -22.45 -7.99 8.33
N ASP B 108 -21.50 -8.09 9.24
CA ASP B 108 -20.49 -7.04 9.44
C ASP B 108 -19.17 -7.38 8.76
N ASP B 109 -19.17 -8.41 7.94
CA ASP B 109 -17.93 -8.82 7.28
C ASP B 109 -17.31 -7.74 6.40
N TRP B 110 -18.13 -6.98 5.67
CA TRP B 110 -17.62 -5.97 4.76
C TRP B 110 -16.60 -4.96 5.31
N LYS B 111 -16.66 -4.64 6.60
CA LYS B 111 -15.73 -3.68 7.15
C LYS B 111 -14.60 -4.30 7.96
N ALA B 112 -14.42 -5.62 7.87
CA ALA B 112 -13.39 -6.28 8.70
C ALA B 112 -11.97 -6.31 8.20
N THR B 113 -11.75 -5.89 6.97
CA THR B 113 -10.40 -5.93 6.41
C THR B 113 -9.68 -4.63 6.02
N ARG B 114 -8.54 -4.39 6.67
CA ARG B 114 -7.70 -3.23 6.35
C ARG B 114 -6.52 -3.68 5.45
N VAL B 115 -6.00 -2.73 4.67
CA VAL B 115 -4.91 -3.02 3.79
C VAL B 115 -3.84 -1.94 3.96
N GLY B 116 -2.58 -2.34 3.75
CA GLY B 116 -1.45 -1.43 3.85
C GLY B 116 -0.18 -2.06 3.28
N ILE B 117 0.94 -1.38 3.51
CA ILE B 117 2.23 -1.86 3.06
C ILE B 117 3.24 -1.69 4.17
N ASN B 118 4.40 -2.31 3.98
CA ASN B 118 5.53 -2.21 4.90
C ASN B 118 6.79 -2.55 4.10
N ILE B 119 7.83 -1.80 4.38
CA ILE B 119 9.10 -2.01 3.74
C ILE B 119 10.02 -2.41 4.89
N PHE B 120 10.61 -3.59 4.77
CA PHE B 120 11.49 -4.07 5.81
C PHE B 120 12.93 -3.95 5.36
N THR B 121 13.79 -3.64 6.31
CA THR B 121 15.19 -3.52 6.04
C THR B 121 15.97 -4.27 7.12
N ARG B 122 17.16 -4.75 6.77
CA ARG B 122 17.99 -5.49 7.73
C ARG B 122 18.38 -4.72 8.97
N LEU B 123 18.35 -5.40 10.10
CA LEU B 123 18.73 -4.78 11.37
C LEU B 123 20.23 -5.05 11.52
C1 NAG C . 7.47 16.07 -13.70
C2 NAG C . 8.31 15.22 -14.67
C3 NAG C . 9.80 15.35 -14.47
C4 NAG C . 10.14 16.77 -14.06
C5 NAG C . 9.38 17.18 -12.77
C6 NAG C . 8.91 18.60 -12.88
C7 NAG C . 6.99 13.37 -15.34
C8 NAG C . 6.61 11.90 -15.22
N2 NAG C . 7.95 13.82 -14.55
O3 NAG C . 10.45 15.06 -15.70
O4 NAG C . 11.53 16.87 -13.82
O5 NAG C . 8.22 16.35 -12.52
O6 NAG C . 9.73 19.32 -13.79
O7 NAG C . 6.40 14.10 -16.15
C1 SNR D . 1.39 5.96 -10.50
N2 SNR D . 0.85 5.27 -9.49
C3 SNR D . 0.55 3.92 -9.91
C4 SNR D . 0.98 3.86 -11.40
N5 SNR D . 1.48 5.21 -11.63
C6 SNR D . -0.32 3.44 -12.25
S7 SNR D . -1.76 4.00 -11.27
C8 SNR D . -0.96 3.60 -9.67
O11 SNR D . 1.73 7.13 -10.42
C12 SNR D . -0.34 3.94 -13.71
C13 SNR D . -1.53 3.39 -14.47
C14 SNR D . -1.37 3.54 -15.95
C15 SNR D . -0.71 2.31 -16.52
O16 SNR D . -0.36 1.35 -15.84
O17 SNR D . -0.58 2.32 -17.42
C1 NAG E . 13.11 -3.58 17.79
C2 NAG E . 12.61 -2.51 18.79
C3 NAG E . 13.55 -1.32 18.87
C4 NAG E . 14.99 -1.81 19.08
C5 NAG E . 15.40 -2.79 17.97
C6 NAG E . 15.94 -4.09 18.53
C7 NAG E . 10.21 -2.71 18.85
C8 NAG E . 8.83 -2.18 18.44
N2 NAG E . 11.28 -2.05 18.41
O3 NAG E . 13.16 -0.48 19.96
O4 NAG E . 15.86 -0.70 19.10
O5 NAG E . 14.29 -3.13 17.10
O6 NAG E . 17.36 -4.06 18.56
O7 NAG E . 10.29 -3.72 19.54
C1 SNR F . 2.83 -3.47 11.36
N2 SNR F . 2.22 -3.33 10.15
C3 SNR F . 0.80 -3.04 10.36
C4 SNR F . 0.59 -3.04 11.90
N5 SNR F . 1.96 -3.33 12.41
C6 SNR F . -0.54 -4.11 12.21
S7 SNR F . -0.38 -5.39 10.89
C8 SNR F . -0.09 -4.10 9.61
O11 SNR F . 4.02 -3.72 11.49
C12 SNR F . -0.59 -4.67 13.64
C13 SNR F . -1.87 -5.42 13.87
C14 SNR F . -2.19 -5.68 15.30
C15 SNR F . -3.03 -4.55 15.82
O16 SNR F . -3.39 -3.61 15.15
O17 SNR F . -3.26 -4.64 16.72
#